data_6ZLC
#
_entry.id   6ZLC
#
_cell.length_a   103.596
_cell.length_b   103.596
_cell.length_c   102.208
_cell.angle_alpha   90.000
_cell.angle_beta   90.000
_cell.angle_gamma   90.000
#
_symmetry.space_group_name_H-M   'P 41 21 2'
#
loop_
_entity.id
_entity.type
_entity.pdbx_description
1 polymer 'Non-structural protein 1'
2 polymer "RNA (5'-R(*AP*GP*AP*CP*AP*GP*CP*AP*UP*UP*AP*UP*GP*CP*UP*GP*UP*CP*U)-3')"
3 non-polymer 'SULFATE ION'
4 non-polymer 'NITRATE ION'
5 water water
#
loop_
_entity_poly.entity_id
_entity_poly.type
_entity_poly.pdbx_seq_one_letter_code
_entity_poly.pdbx_strand_id
1 'polypeptide(L)' GSHMSDSNTITSFQVDCYLWHIRKLLSMRDMCDAPFDDRLRRDQKALKGRGSTLGLDLRVATMEGKKIVEDILKSET A,B
2 'polyribonucleotide' AGACAGCAUUAUGCUGUCU C,D
#
loop_
_chem_comp.id
_chem_comp.type
_chem_comp.name
_chem_comp.formula
A RNA linking ADENOSINE-5'-MONOPHOSPHATE 'C10 H14 N5 O7 P'
C RNA linking CYTIDINE-5'-MONOPHOSPHATE 'C9 H14 N3 O8 P'
G RNA linking GUANOSINE-5'-MONOPHOSPHATE 'C10 H14 N5 O8 P'
NO3 non-polymer 'NITRATE ION' 'N O3 -1'
SO4 non-polymer 'SULFATE ION' 'O4 S -2'
U RNA linking URIDINE-5'-MONOPHOSPHATE 'C9 H13 N2 O9 P'
#
# COMPACT_ATOMS: atom_id res chain seq x y z
N GLY A 1 -11.35 -31.38 -4.76
CA GLY A 1 -11.48 -30.65 -3.51
C GLY A 1 -11.17 -29.18 -3.63
N SER A 2 -10.78 -28.56 -2.51
CA SER A 2 -10.48 -27.14 -2.49
C SER A 2 -9.05 -26.86 -2.92
N HIS A 3 -8.87 -25.77 -3.65
CA HIS A 3 -7.56 -25.29 -4.07
C HIS A 3 -7.35 -23.87 -3.56
N MET A 4 -6.14 -23.58 -3.11
CA MET A 4 -5.75 -22.19 -2.97
C MET A 4 -5.55 -21.58 -4.34
N SER A 5 -5.73 -20.26 -4.43
CA SER A 5 -5.65 -19.56 -5.70
C SER A 5 -4.23 -19.63 -6.27
N ASP A 6 -4.04 -19.01 -7.43
CA ASP A 6 -2.70 -18.87 -7.97
C ASP A 6 -1.83 -18.05 -7.03
N SER A 7 -0.53 -18.21 -7.18
CA SER A 7 0.43 -17.54 -6.31
C SER A 7 0.24 -16.03 -6.32
N ASN A 8 0.03 -15.44 -7.49
CA ASN A 8 -0.03 -13.98 -7.57
C ASN A 8 -1.28 -13.43 -6.89
N THR A 9 -2.40 -14.15 -6.93
CA THR A 9 -3.59 -13.68 -6.22
C THR A 9 -3.34 -13.65 -4.72
N ILE A 10 -2.69 -14.67 -4.19
CA ILE A 10 -2.41 -14.71 -2.76
C ILE A 10 -1.40 -13.64 -2.37
N THR A 11 -0.34 -13.48 -3.18
CA THR A 11 0.69 -12.48 -2.91
C THR A 11 0.08 -11.07 -2.87
N SER A 12 -0.76 -10.75 -3.85
CA SER A 12 -1.36 -9.42 -3.88
C SER A 12 -2.19 -9.15 -2.64
N PHE A 13 -2.94 -10.14 -2.19
CA PHE A 13 -3.76 -9.98 -1.00
C PHE A 13 -2.90 -9.74 0.23
N GLN A 14 -1.80 -10.50 0.36
CA GLN A 14 -0.94 -10.37 1.52
C GLN A 14 -0.25 -9.02 1.51
N VAL A 15 0.19 -8.58 0.33
CA VAL A 15 0.83 -7.27 0.24
C VAL A 15 -0.15 -6.17 0.59
N ASP A 16 -1.35 -6.22 0.01
CA ASP A 16 -2.40 -5.27 0.36
C ASP A 16 -2.70 -5.28 1.86
N CYS A 17 -2.76 -6.47 2.48
CA CYS A 17 -2.97 -6.49 3.93
C CYS A 17 -1.87 -5.73 4.65
N TYR A 18 -0.61 -5.99 4.27
CA TYR A 18 0.48 -5.36 5.00
C TYR A 18 0.53 -3.86 4.74
N LEU A 19 0.30 -3.43 3.49
CA LEU A 19 0.22 -2.00 3.22
C LEU A 19 -0.97 -1.35 3.92
N TRP A 20 -2.08 -2.08 4.10
CA TRP A 20 -3.15 -1.53 4.91
C TRP A 20 -2.67 -1.28 6.33
N HIS A 21 -1.83 -2.17 6.85
CA HIS A 21 -1.33 -2.01 8.22
C HIS A 21 -0.44 -0.77 8.33
N ILE A 22 0.39 -0.53 7.32
CA ILE A 22 1.22 0.67 7.32
C ILE A 22 0.35 1.91 7.30
N ARG A 23 -0.65 1.93 6.42
CA ARG A 23 -1.55 3.07 6.35
C ARG A 23 -2.23 3.30 7.69
N LYS A 24 -2.68 2.22 8.32
CA LYS A 24 -3.38 2.33 9.60
C LYS A 24 -2.49 2.96 10.66
N LEU A 25 -1.19 2.66 10.62
CA LEU A 25 -0.25 3.28 11.56
C LEU A 25 -0.22 4.80 11.38
N LEU A 26 -0.20 5.26 10.13
CA LEU A 26 -0.19 6.69 9.88
C LEU A 26 -1.46 7.34 10.43
N SER A 27 -2.60 6.70 10.24
CA SER A 27 -3.85 7.22 10.77
C SER A 27 -3.82 7.26 12.30
N MET A 28 -3.37 6.18 12.94
CA MET A 28 -3.33 6.13 14.39
C MET A 28 -2.42 7.21 14.97
N ARG A 29 -1.42 7.62 14.22
CA ARG A 29 -0.55 8.70 14.66
C ARG A 29 -1.05 10.07 14.21
N ASP A 30 -2.27 10.14 13.68
CA ASP A 30 -2.90 11.38 13.25
C ASP A 30 -2.03 12.16 12.26
N MET A 31 -1.45 11.44 11.31
CA MET A 31 -0.62 12.05 10.28
C MET A 31 -1.25 12.02 8.91
N CYS A 32 -2.49 11.56 8.79
CA CYS A 32 -3.14 11.46 7.48
C CYS A 32 -4.24 12.50 7.35
N ASP A 33 -4.68 12.74 6.11
CA ASP A 33 -5.81 13.60 5.89
C ASP A 33 -7.10 12.78 5.86
N ALA A 34 -8.22 13.46 5.68
CA ALA A 34 -9.53 12.81 5.77
C ALA A 34 -9.78 11.82 4.63
N PRO A 35 -9.48 12.16 3.38
CA PRO A 35 -9.65 11.15 2.32
C PRO A 35 -8.85 9.89 2.55
N PHE A 36 -7.64 10.04 3.10
CA PHE A 36 -6.80 8.90 3.43
C PHE A 36 -7.50 7.97 4.41
N ASP A 37 -8.15 8.53 5.43
CA ASP A 37 -8.93 7.70 6.35
C ASP A 37 -10.13 7.07 5.66
N ASP A 38 -10.78 7.81 4.75
CA ASP A 38 -11.89 7.25 3.99
C ASP A 38 -11.47 5.98 3.24
N ARG A 39 -10.30 6.02 2.62
CA ARG A 39 -9.81 4.84 1.90
C ARG A 39 -9.46 3.72 2.87
N LEU A 40 -8.89 4.08 4.02
CA LEU A 40 -8.60 3.09 5.06
C LEU A 40 -9.85 2.30 5.43
N ARG A 41 -10.96 3.01 5.70
CA ARG A 41 -12.19 2.34 6.11
C ARG A 41 -12.76 1.49 4.99
N ARG A 42 -12.70 1.99 3.74
CA ARG A 42 -13.18 1.18 2.63
C ARG A 42 -12.39 -0.11 2.51
N ASP A 43 -11.07 0.00 2.59
CA ASP A 43 -10.23 -1.16 2.29
C ASP A 43 -10.25 -2.19 3.41
N GLN A 44 -10.42 -1.77 4.66
CA GLN A 44 -10.56 -2.73 5.75
C GLN A 44 -11.77 -3.63 5.50
N LYS A 45 -12.90 -3.04 5.10
CA LYS A 45 -14.05 -3.81 4.67
C LYS A 45 -13.68 -4.79 3.56
N ALA A 46 -13.11 -4.29 2.47
CA ALA A 46 -12.84 -5.14 1.31
C ALA A 46 -11.89 -6.27 1.66
N LEU A 47 -10.89 -6.01 2.51
CA LEU A 47 -9.92 -7.05 2.81
C LEU A 47 -10.55 -8.20 3.58
N LYS A 48 -11.55 -7.91 4.42
CA LYS A 48 -12.26 -8.98 5.13
C LYS A 48 -13.05 -9.84 4.14
N GLY A 49 -13.68 -9.21 3.14
CA GLY A 49 -14.39 -9.98 2.14
C GLY A 49 -13.44 -10.84 1.33
N ARG A 50 -12.31 -10.26 0.88
CA ARG A 50 -11.35 -11.02 0.09
C ARG A 50 -10.82 -12.20 0.89
N GLY A 51 -10.41 -11.96 2.13
CA GLY A 51 -9.87 -13.04 2.93
C GLY A 51 -10.85 -14.17 3.08
N SER A 52 -12.13 -13.83 3.26
CA SER A 52 -13.15 -14.86 3.38
C SER A 52 -13.26 -15.67 2.09
N THR A 53 -13.34 -14.97 0.95
CA THR A 53 -13.38 -15.64 -0.36
C THR A 53 -12.17 -16.54 -0.56
N LEU A 54 -10.99 -16.10 -0.10
CA LEU A 54 -9.75 -16.85 -0.32
C LEU A 54 -9.52 -17.93 0.72
N GLY A 55 -10.32 -18.00 1.77
CA GLY A 55 -10.01 -18.91 2.87
C GLY A 55 -8.73 -18.54 3.60
N LEU A 56 -8.46 -17.25 3.73
CA LEU A 56 -7.28 -16.76 4.41
C LEU A 56 -7.66 -15.79 5.52
N ASP A 57 -6.89 -15.84 6.60
CA ASP A 57 -7.04 -14.93 7.72
C ASP A 57 -6.16 -13.72 7.48
N LEU A 58 -6.78 -12.53 7.37
CA LEU A 58 -6.01 -11.34 7.02
C LEU A 58 -4.92 -11.03 8.06
N ARG A 59 -5.09 -11.47 9.31
CA ARG A 59 -4.03 -11.22 10.28
C ARG A 59 -2.77 -12.02 9.94
N VAL A 60 -2.94 -13.23 9.40
CA VAL A 60 -1.80 -14.00 8.95
C VAL A 60 -1.25 -13.42 7.65
N ALA A 61 -2.14 -13.09 6.71
CA ALA A 61 -1.69 -12.56 5.43
C ALA A 61 -0.87 -11.28 5.63
N THR A 62 -1.26 -10.47 6.62
CA THR A 62 -0.50 -9.26 6.93
C THR A 62 0.95 -9.59 7.25
N MET A 63 1.18 -10.63 8.07
CA MET A 63 2.55 -10.99 8.42
C MET A 63 3.31 -11.54 7.22
N GLU A 64 2.64 -12.31 6.36
CA GLU A 64 3.26 -12.72 5.11
C GLU A 64 3.59 -11.52 4.24
N GLY A 65 2.63 -10.59 4.12
CA GLY A 65 2.88 -9.38 3.35
C GLY A 65 4.11 -8.62 3.83
N LYS A 66 4.29 -8.56 5.15
CA LYS A 66 5.50 -7.95 5.72
C LYS A 66 6.76 -8.56 5.11
N LYS A 67 6.80 -9.89 5.02
CA LYS A 67 8.01 -10.53 4.51
C LYS A 67 8.18 -10.26 3.02
N ILE A 68 7.08 -10.30 2.27
CA ILE A 68 7.20 -10.08 0.82
C ILE A 68 7.69 -8.67 0.55
N VAL A 69 7.17 -7.69 1.29
CA VAL A 69 7.55 -6.30 1.06
C VAL A 69 9.02 -6.10 1.37
N GLU A 70 9.51 -6.70 2.46
CA GLU A 70 10.91 -6.56 2.81
C GLU A 70 11.82 -7.29 1.82
N ASP A 71 11.38 -8.43 1.29
CA ASP A 71 12.24 -9.17 0.37
C ASP A 71 12.38 -8.45 -0.96
N ILE A 72 11.35 -7.71 -1.39
CA ILE A 72 11.45 -6.96 -2.63
C ILE A 72 12.10 -5.60 -2.40
N LEU A 73 11.99 -5.03 -1.20
CA LEU A 73 12.70 -3.78 -0.92
C LEU A 73 14.19 -4.03 -0.79
N LYS A 74 14.59 -5.11 -0.12
CA LYS A 74 16.01 -5.46 -0.06
C LYS A 74 16.54 -5.76 -1.45
N SER A 75 15.76 -6.47 -2.26
CA SER A 75 16.20 -6.84 -3.60
C SER A 75 16.17 -5.66 -4.57
N GLU A 76 15.48 -4.58 -4.23
CA GLU A 76 15.43 -3.42 -5.11
C GLU A 76 16.83 -2.86 -5.33
N THR A 77 17.19 -2.73 -6.61
CA THR A 77 18.49 -2.17 -6.97
C THR A 77 18.37 -1.49 -8.33
N SER B 5 -0.35 25.24 2.41
CA SER B 5 -0.17 23.79 2.49
C SER B 5 -0.69 23.20 3.80
N ASP B 6 -1.22 21.97 3.73
CA ASP B 6 -1.68 21.23 4.91
C ASP B 6 -0.75 20.05 5.15
N SER B 7 -0.20 19.97 6.37
CA SER B 7 0.80 18.95 6.70
C SER B 7 0.28 17.55 6.42
N ASN B 8 -0.91 17.22 6.95
CA ASN B 8 -1.43 15.87 6.79
C ASN B 8 -1.72 15.55 5.32
N THR B 9 -2.18 16.53 4.55
CA THR B 9 -2.38 16.32 3.12
C THR B 9 -1.05 16.00 2.43
N ILE B 10 -0.02 16.81 2.69
CA ILE B 10 1.31 16.53 2.15
C ILE B 10 1.76 15.13 2.55
N THR B 11 1.81 14.87 3.86
CA THR B 11 2.26 13.58 4.38
C THR B 11 1.50 12.43 3.71
N SER B 12 0.17 12.52 3.64
CA SER B 12 -0.60 11.45 3.00
C SER B 12 -0.26 11.30 1.53
N PHE B 13 0.09 12.38 0.84
CA PHE B 13 0.49 12.24 -0.55
C PHE B 13 1.82 11.52 -0.65
N GLN B 14 2.81 11.96 0.12
CA GLN B 14 4.12 11.34 0.08
C GLN B 14 4.05 9.87 0.45
N VAL B 15 3.26 9.53 1.46
CA VAL B 15 3.11 8.13 1.83
C VAL B 15 2.41 7.35 0.73
N ASP B 16 1.38 7.93 0.11
CA ASP B 16 0.71 7.23 -0.99
C ASP B 16 1.67 7.01 -2.16
N CYS B 17 2.58 7.97 -2.41
CA CYS B 17 3.58 7.79 -3.46
C CYS B 17 4.53 6.65 -3.12
N TYR B 18 4.96 6.56 -1.86
CA TYR B 18 5.88 5.49 -1.50
C TYR B 18 5.22 4.13 -1.59
N LEU B 19 3.98 4.00 -1.12
CA LEU B 19 3.31 2.71 -1.20
C LEU B 19 2.99 2.32 -2.63
N TRP B 20 2.67 3.31 -3.48
CA TRP B 20 2.54 3.00 -4.89
C TRP B 20 3.85 2.43 -5.43
N HIS B 21 4.96 3.01 -5.00
CA HIS B 21 6.26 2.54 -5.44
C HIS B 21 6.51 1.09 -5.03
N ILE B 22 6.11 0.73 -3.81
CA ILE B 22 6.23 -0.66 -3.37
C ILE B 22 5.34 -1.55 -4.23
N ARG B 23 4.10 -1.13 -4.46
CA ARG B 23 3.20 -1.93 -5.29
C ARG B 23 3.74 -2.08 -6.70
N LYS B 24 4.30 -1.00 -7.25
CA LYS B 24 4.89 -1.06 -8.58
C LYS B 24 6.02 -2.07 -8.65
N LEU B 25 6.88 -2.09 -7.63
CA LEU B 25 7.98 -3.06 -7.60
C LEU B 25 7.43 -4.48 -7.63
N LEU B 26 6.36 -4.74 -6.88
CA LEU B 26 5.74 -6.06 -6.90
C LEU B 26 5.24 -6.40 -8.29
N SER B 27 4.58 -5.45 -8.94
CA SER B 27 4.04 -5.70 -10.27
C SER B 27 5.16 -5.92 -11.30
N MET B 28 6.26 -5.17 -11.18
CA MET B 28 7.36 -5.32 -12.14
C MET B 28 8.02 -6.69 -12.05
N ARG B 29 8.04 -7.29 -10.86
CA ARG B 29 8.54 -8.65 -10.70
C ARG B 29 7.50 -9.69 -11.09
N ASP B 30 6.36 -9.25 -11.65
CA ASP B 30 5.27 -10.14 -12.06
C ASP B 30 4.80 -11.01 -10.90
N MET B 31 4.47 -10.36 -9.79
CA MET B 31 4.04 -11.07 -8.59
C MET B 31 2.65 -10.65 -8.13
N CYS B 32 1.92 -9.87 -8.94
CA CYS B 32 0.59 -9.41 -8.59
C CYS B 32 -0.45 -9.92 -9.58
N ASP B 33 -1.71 -9.82 -9.20
CA ASP B 33 -2.80 -10.25 -10.07
C ASP B 33 -3.34 -9.05 -10.85
N ALA B 34 -4.24 -9.34 -11.79
CA ALA B 34 -4.74 -8.30 -12.67
C ALA B 34 -5.46 -7.18 -11.94
N PRO B 35 -6.34 -7.42 -10.97
CA PRO B 35 -6.96 -6.30 -10.25
C PRO B 35 -5.94 -5.44 -9.52
N PHE B 36 -4.89 -6.04 -8.98
CA PHE B 36 -3.80 -5.27 -8.38
C PHE B 36 -3.17 -4.34 -9.41
N ASP B 37 -2.93 -4.85 -10.62
CA ASP B 37 -2.41 -3.96 -11.65
C ASP B 37 -3.43 -2.89 -12.05
N ASP B 38 -4.73 -3.21 -11.98
CA ASP B 38 -5.76 -2.22 -12.28
C ASP B 38 -5.74 -1.06 -11.28
N ARG B 39 -5.58 -1.36 -9.98
CA ARG B 39 -5.47 -0.30 -9.00
C ARG B 39 -4.19 0.48 -9.16
N LEU B 40 -3.10 -0.20 -9.55
CA LEU B 40 -1.85 0.48 -9.84
C LEU B 40 -2.06 1.58 -10.88
N ARG B 41 -2.78 1.25 -11.96
CA ARG B 41 -2.97 2.22 -13.04
C ARG B 41 -3.86 3.38 -12.58
N ARG B 42 -4.95 3.08 -11.89
CA ARG B 42 -5.80 4.14 -11.37
C ARG B 42 -5.02 5.10 -10.48
N ASP B 43 -4.23 4.55 -9.54
CA ASP B 43 -3.56 5.39 -8.56
C ASP B 43 -2.43 6.19 -9.19
N GLN B 44 -1.78 5.65 -10.23
CA GLN B 44 -0.75 6.42 -10.91
C GLN B 44 -1.32 7.69 -11.52
N LYS B 45 -2.44 7.58 -12.25
CA LYS B 45 -3.13 8.76 -12.76
C LYS B 45 -3.52 9.70 -11.62
N ALA B 46 -4.03 9.14 -10.51
CA ALA B 46 -4.51 9.97 -9.42
C ALA B 46 -3.36 10.74 -8.78
N LEU B 47 -2.19 10.10 -8.64
CA LEU B 47 -1.08 10.76 -7.99
C LEU B 47 -0.48 11.86 -8.86
N LYS B 48 -0.55 11.70 -10.18
CA LYS B 48 -0.12 12.79 -11.06
C LYS B 48 -0.93 14.05 -10.79
N GLY B 49 -2.25 13.91 -10.66
CA GLY B 49 -3.09 15.06 -10.37
C GLY B 49 -2.90 15.61 -8.97
N ARG B 50 -2.78 14.73 -7.99
CA ARG B 50 -2.52 15.20 -6.62
C ARG B 50 -1.19 15.93 -6.55
N GLY B 51 -0.16 15.37 -7.18
CA GLY B 51 1.13 16.03 -7.17
C GLY B 51 1.09 17.37 -7.87
N SER B 52 0.40 17.43 -9.00
CA SER B 52 0.31 18.69 -9.73
C SER B 52 -0.51 19.70 -8.94
N THR B 53 -1.62 19.25 -8.32
CA THR B 53 -2.38 20.13 -7.43
C THR B 53 -1.51 20.67 -6.30
N LEU B 54 -0.56 19.87 -5.81
CA LEU B 54 0.29 20.30 -4.70
C LEU B 54 1.59 20.95 -5.16
N GLY B 55 1.88 20.94 -6.46
CA GLY B 55 3.15 21.44 -6.96
C GLY B 55 4.35 20.66 -6.47
N LEU B 56 4.24 19.33 -6.41
CA LEU B 56 5.28 18.46 -5.87
C LEU B 56 5.71 17.44 -6.92
N ASP B 57 7.02 17.27 -7.07
CA ASP B 57 7.56 16.21 -7.92
C ASP B 57 7.25 14.86 -7.30
N LEU B 58 6.67 13.96 -8.09
CA LEU B 58 6.26 12.69 -7.55
C LEU B 58 7.46 11.86 -7.10
N ARG B 59 8.59 11.97 -7.79
CA ARG B 59 9.77 11.21 -7.40
C ARG B 59 10.30 11.66 -6.05
N VAL B 60 10.44 12.97 -5.85
CA VAL B 60 10.91 13.48 -4.57
C VAL B 60 9.94 13.12 -3.45
N ALA B 61 8.63 13.23 -3.72
CA ALA B 61 7.64 12.89 -2.72
C ALA B 61 7.69 11.41 -2.35
N THR B 62 7.99 10.55 -3.32
CA THR B 62 8.17 9.14 -3.05
C THR B 62 9.32 8.92 -2.07
N MET B 63 10.42 9.65 -2.26
CA MET B 63 11.57 9.51 -1.37
C MET B 63 11.22 9.99 0.04
N GLU B 64 10.45 11.08 0.14
CA GLU B 64 10.01 11.55 1.46
C GLU B 64 9.07 10.55 2.12
N GLY B 65 8.15 9.98 1.33
CA GLY B 65 7.25 8.98 1.88
C GLY B 65 7.99 7.80 2.47
N LYS B 66 9.09 7.39 1.82
CA LYS B 66 9.90 6.30 2.34
C LYS B 66 10.42 6.62 3.73
N LYS B 67 10.95 7.85 3.90
CA LYS B 67 11.43 8.28 5.20
C LYS B 67 10.32 8.23 6.25
N ILE B 68 9.14 8.73 5.90
CA ILE B 68 8.03 8.75 6.84
C ILE B 68 7.67 7.33 7.26
N VAL B 69 7.56 6.43 6.29
CA VAL B 69 7.12 5.07 6.61
C VAL B 69 8.13 4.38 7.50
N GLU B 70 9.43 4.59 7.22
CA GLU B 70 10.46 3.99 8.05
C GLU B 70 10.37 4.47 9.50
N ASP B 71 10.00 5.75 9.69
CA ASP B 71 9.89 6.30 11.04
C ASP B 71 8.72 5.70 11.79
N ILE B 72 7.55 5.59 11.14
CA ILE B 72 6.39 5.09 11.87
C ILE B 72 6.52 3.59 12.12
N LEU B 73 7.28 2.86 11.30
CA LEU B 73 7.52 1.46 11.60
C LEU B 73 8.57 1.29 12.70
N LYS B 74 9.55 2.20 12.75
CA LYS B 74 10.58 2.15 13.79
C LYS B 74 9.97 2.34 15.17
N SER B 75 8.95 3.18 15.28
CA SER B 75 8.29 3.50 16.54
C SER B 75 7.37 2.39 17.04
N GLU B 76 7.25 1.28 16.34
CA GLU B 76 6.37 0.19 16.77
C GLU B 76 6.90 -0.48 18.03
S SO4 E . -16.03 -8.53 11.78
O1 SO4 E . -14.65 -8.98 11.84
O2 SO4 E . -16.85 -9.42 12.61
O3 SO4 E . -16.14 -7.15 12.27
O4 SO4 E . -16.50 -8.60 10.41
S SO4 F . 0.88 -20.68 -9.27
O1 SO4 F . 1.55 -20.87 -8.00
O2 SO4 F . -0.53 -21.08 -9.14
O3 SO4 F . 0.96 -19.28 -9.69
O4 SO4 F . 1.53 -21.51 -10.29
N NO3 G . -1.98 -16.42 4.66
O1 NO3 G . -3.11 -16.21 5.18
O2 NO3 G . -1.42 -17.56 4.78
O3 NO3 G . -1.40 -15.51 4.02
N NO3 H . -6.03 7.35 -19.56
O1 NO3 H . -5.94 6.25 -20.18
O2 NO3 H . -5.00 7.89 -19.07
O3 NO3 H . -7.17 7.91 -19.43
N NO3 I . -17.23 8.38 -8.16
O1 NO3 I . -17.55 8.29 -9.39
O2 NO3 I . -17.72 7.57 -7.33
O3 NO3 I . -16.43 9.29 -7.77
N NO3 J . -18.60 0.18 -8.88
O1 NO3 J . -19.66 0.56 -8.31
O2 NO3 J . -18.22 -1.03 -8.78
O3 NO3 J . -17.92 0.99 -9.56
#